data_6I0U
#
_entry.id   6I0U
#
_cell.length_a   60.783
_cell.length_b   60.783
_cell.length_c   167.216
_cell.angle_alpha   90.00
_cell.angle_beta   90.00
_cell.angle_gamma   120.00
#
_symmetry.space_group_name_H-M   'P 31 2 1'
#
loop_
_entity.id
_entity.type
_entity.pdbx_description
1 polymer 'Terminal uridylyltransferase Tailor'
2 polymer "RNA (5'-R(*UP*UP*UP*U)-3')"
3 non-polymer 'MAGNESIUM ION'
4 water water
#
loop_
_entity_poly.entity_id
_entity_poly.type
_entity_poly.pdbx_seq_one_letter_code
_entity_poly.pdbx_strand_id
1 'polypeptide(L)'
;SNAPVQPHPTHQTKQEKKQAQVKARQHITVRLPKKARAMIVGEITNVFKDKYPIADKLKVIPEYDVIEQDLCKLLSPGFP
KQPLRVYKFGSRITGIGNRSSDLDLFVDIGNTFHTFEHRASNATVAKLRAMRKFFCDSEDWRLINFIEQARVPIIKTCHL
PTGIECDICLNSMGFCNTNLLKYIFESQPLTQYMCIYVKNWLERCKLTEQISTYSITLMVIYFLQLQALLPPIAMLQIED
AANQAVLVGPWVVNFAQKSFSELGLQQLKATVPVIKGFLRNFFAYFAKFDYEHFLVCPYIGQANVEIAKIERMLHARYSA
YVSDNPECSIQLKKPMVVQDPIQLNHNVTKAVTKYGLQTFVDYCQQTAELLEEPSTNWRQRYAF
;
A
2 'polyribonucleotide' UUUUUU B
#
# COMPACT_ATOMS: atom_id res chain seq x y z
N GLN A 19 -17.43 12.62 -11.64
CA GLN A 19 -18.33 13.63 -11.07
C GLN A 19 -17.51 14.84 -10.63
N ALA A 20 -16.92 15.53 -11.58
CA ALA A 20 -16.00 16.63 -11.30
C ALA A 20 -16.75 17.96 -11.42
N GLN A 21 -17.24 18.45 -10.29
CA GLN A 21 -17.60 19.86 -10.17
C GLN A 21 -16.35 20.72 -10.02
N VAL A 22 -15.24 20.09 -9.64
CA VAL A 22 -13.98 20.80 -9.41
C VAL A 22 -13.49 21.46 -10.68
N LYS A 23 -13.56 20.76 -11.81
CA LYS A 23 -13.11 21.34 -13.08
C LYS A 23 -13.89 22.60 -13.41
N ALA A 24 -15.21 22.59 -13.17
CA ALA A 24 -16.04 23.73 -13.52
C ALA A 24 -15.79 24.90 -12.58
N ARG A 25 -15.70 24.65 -11.28
CA ARG A 25 -15.57 25.68 -10.26
C ARG A 25 -14.33 25.40 -9.43
N GLN A 26 -13.15 25.64 -10.01
CA GLN A 26 -11.91 25.38 -9.30
C GLN A 26 -11.72 26.31 -8.11
N HIS A 27 -12.28 27.52 -8.17
CA HIS A 27 -12.21 28.48 -7.07
C HIS A 27 -13.07 28.07 -5.88
N ILE A 28 -13.85 27.00 -5.99
CA ILE A 28 -14.75 26.57 -4.93
C ILE A 28 -14.19 25.29 -4.31
N THR A 29 -14.17 25.26 -2.97
CA THR A 29 -13.75 24.06 -2.26
C THR A 29 -14.83 22.98 -2.41
N VAL A 30 -14.44 21.83 -2.96
CA VAL A 30 -15.38 20.72 -3.08
C VAL A 30 -15.72 20.21 -1.69
N ARG A 31 -17.02 20.12 -1.40
CA ARG A 31 -17.47 19.92 -0.03
C ARG A 31 -17.17 18.50 0.44
N LEU A 32 -16.74 18.38 1.68
CA LEU A 32 -16.45 17.08 2.27
C LEU A 32 -17.74 16.26 2.35
N PRO A 33 -17.76 15.04 1.81
CA PRO A 33 -19.01 14.26 1.81
C PRO A 33 -19.55 14.05 3.22
N LYS A 34 -20.89 14.00 3.31
CA LYS A 34 -21.54 13.90 4.61
C LYS A 34 -21.16 12.60 5.32
N LYS A 35 -21.05 11.49 4.56
CA LYS A 35 -20.66 10.23 5.19
C LYS A 35 -19.31 10.37 5.88
N ALA A 36 -18.38 11.10 5.27
CA ALA A 36 -17.10 11.38 5.91
C ALA A 36 -17.28 12.35 7.07
N ARG A 37 -18.00 13.45 6.84
CA ARG A 37 -18.23 14.43 7.89
C ARG A 37 -18.71 13.77 9.17
N ALA A 38 -19.72 12.89 9.06
CA ALA A 38 -20.33 12.29 10.24
C ALA A 38 -19.36 11.40 11.00
N MET A 39 -18.39 10.80 10.30
CA MET A 39 -17.37 10.00 10.98
C MET A 39 -16.39 10.90 11.73
N ILE A 40 -15.88 11.93 11.04
CA ILE A 40 -14.89 12.82 11.66
C ILE A 40 -15.52 13.56 12.84
N VAL A 41 -16.66 14.20 12.60
CA VAL A 41 -17.34 14.95 13.65
C VAL A 41 -17.70 14.03 14.81
N GLY A 42 -18.08 12.79 14.51
CA GLY A 42 -18.40 11.85 15.55
C GLY A 42 -17.19 11.44 16.35
N GLU A 43 -17.45 10.74 17.45
CA GLU A 43 -16.38 10.31 18.34
C GLU A 43 -15.45 9.33 17.62
N ILE A 44 -14.14 9.54 17.81
CA ILE A 44 -13.12 8.72 17.15
C ILE A 44 -12.90 7.39 17.84
N THR A 45 -13.65 7.10 18.90
CA THR A 45 -13.41 5.90 19.69
C THR A 45 -13.64 4.61 18.91
N ASN A 46 -14.34 4.67 17.78
CA ASN A 46 -14.64 3.45 17.03
C ASN A 46 -13.37 2.73 16.62
N VAL A 47 -12.38 3.47 16.11
CA VAL A 47 -11.14 2.84 15.67
C VAL A 47 -10.37 2.27 16.87
N PHE A 48 -10.35 2.99 17.98
CA PHE A 48 -9.53 2.55 19.11
C PHE A 48 -10.10 1.29 19.76
N LYS A 49 -11.42 1.14 19.80
CA LYS A 49 -12.04 0.07 20.57
C LYS A 49 -12.80 -0.96 19.75
N ASP A 50 -13.01 -0.74 18.44
CA ASP A 50 -13.75 -1.69 17.64
C ASP A 50 -13.02 -2.12 16.38
N LYS A 51 -12.63 -1.16 15.53
CA LYS A 51 -12.03 -1.53 14.25
C LYS A 51 -10.60 -2.04 14.41
N TYR A 52 -9.85 -1.51 15.39
CA TYR A 52 -8.50 -2.02 15.62
C TYR A 52 -8.52 -3.47 16.08
N PRO A 53 -9.29 -3.87 17.09
CA PRO A 53 -9.31 -5.30 17.45
C PRO A 53 -9.70 -6.20 16.30
N ILE A 54 -10.70 -5.83 15.50
CA ILE A 54 -11.04 -6.62 14.32
C ILE A 54 -9.83 -6.71 13.40
N ALA A 55 -9.23 -5.56 13.07
CA ALA A 55 -8.13 -5.54 12.12
C ALA A 55 -6.95 -6.34 12.63
N ASP A 56 -6.67 -6.26 13.94
CA ASP A 56 -5.57 -7.03 14.51
C ASP A 56 -5.86 -8.53 14.42
N LYS A 57 -7.08 -8.93 14.74
CA LYS A 57 -7.43 -10.35 14.67
C LYS A 57 -7.34 -10.87 13.25
N LEU A 58 -7.58 -10.02 12.25
CA LEU A 58 -7.58 -10.46 10.87
C LEU A 58 -6.17 -10.66 10.30
N LYS A 59 -5.12 -10.34 11.06
CA LYS A 59 -3.77 -10.64 10.59
C LYS A 59 -3.56 -12.14 10.45
N VAL A 60 -4.26 -12.94 11.26
CA VAL A 60 -4.16 -14.40 11.20
C VAL A 60 -5.51 -15.02 11.54
N ILE A 61 -6.09 -15.73 10.58
CA ILE A 61 -7.29 -16.53 10.84
C ILE A 61 -7.19 -17.85 10.08
N PRO A 62 -7.89 -18.87 10.58
CA PRO A 62 -7.80 -20.19 9.91
C PRO A 62 -8.18 -20.16 8.45
N GLU A 63 -9.09 -19.27 8.05
CA GLU A 63 -9.53 -19.24 6.66
C GLU A 63 -8.36 -19.03 5.70
N TYR A 64 -7.33 -18.28 6.11
CA TYR A 64 -6.18 -18.07 5.24
C TYR A 64 -5.47 -19.39 4.96
N ASP A 65 -5.42 -20.29 5.95
CA ASP A 65 -4.79 -21.60 5.72
C ASP A 65 -5.56 -22.38 4.67
N VAL A 66 -6.90 -22.39 4.77
CA VAL A 66 -7.72 -23.08 3.78
C VAL A 66 -7.43 -22.55 2.39
N ILE A 67 -7.34 -21.22 2.26
CA ILE A 67 -7.11 -20.62 0.95
C ILE A 67 -5.77 -21.05 0.38
N GLU A 68 -4.71 -20.96 1.19
CA GLU A 68 -3.38 -21.37 0.73
C GLU A 68 -3.38 -22.84 0.35
N GLN A 69 -4.00 -23.70 1.17
CA GLN A 69 -4.03 -25.12 0.88
C GLN A 69 -4.79 -25.40 -0.41
N ASP A 70 -5.96 -24.79 -0.57
CA ASP A 70 -6.75 -25.02 -1.79
C ASP A 70 -6.01 -24.52 -3.03
N LEU A 71 -5.28 -23.41 -2.90
CA LEU A 71 -4.50 -22.92 -4.04
C LEU A 71 -3.42 -23.92 -4.44
N CYS A 72 -2.78 -24.55 -3.45
CA CYS A 72 -1.76 -25.55 -3.75
C CYS A 72 -2.37 -26.80 -4.37
N LYS A 73 -3.50 -27.26 -3.83
CA LYS A 73 -4.18 -28.41 -4.41
C LYS A 73 -4.62 -28.14 -5.84
N LEU A 74 -5.15 -26.94 -6.09
CA LEU A 74 -5.69 -26.61 -7.41
C LEU A 74 -4.59 -26.52 -8.45
N LEU A 75 -3.46 -25.92 -8.11
CA LEU A 75 -2.45 -25.56 -9.09
C LEU A 75 -1.33 -26.59 -9.26
N SER A 76 -1.08 -27.43 -8.25
CA SER A 76 0.04 -28.35 -8.36
C SER A 76 -0.09 -29.31 -9.54
N PRO A 77 -1.28 -29.80 -9.92
CA PRO A 77 -1.36 -30.61 -11.14
C PRO A 77 -0.91 -29.86 -12.39
N GLY A 78 -1.41 -28.64 -12.60
CA GLY A 78 -1.10 -27.91 -13.82
C GLY A 78 0.39 -27.69 -14.02
N PHE A 79 1.13 -27.54 -12.93
CA PHE A 79 2.58 -27.31 -12.96
C PHE A 79 3.20 -28.52 -12.26
N PRO A 80 3.44 -29.61 -12.98
CA PRO A 80 3.55 -30.93 -12.34
C PRO A 80 4.57 -31.01 -11.21
N LYS A 81 5.84 -30.70 -11.47
CA LYS A 81 6.89 -30.92 -10.48
C LYS A 81 7.75 -29.70 -10.25
N GLN A 82 7.21 -28.50 -10.50
CA GLN A 82 7.99 -27.28 -10.28
C GLN A 82 7.74 -26.72 -8.89
N PRO A 83 8.64 -25.88 -8.40
CA PRO A 83 8.40 -25.24 -7.09
C PRO A 83 7.12 -24.41 -7.11
N LEU A 84 6.37 -24.48 -6.01
CA LEU A 84 5.16 -23.71 -5.85
C LEU A 84 5.07 -23.24 -4.40
N ARG A 85 4.87 -21.94 -4.20
CA ARG A 85 4.72 -21.40 -2.86
C ARG A 85 3.77 -20.22 -2.91
N VAL A 86 2.90 -20.12 -1.91
CA VAL A 86 1.88 -19.09 -1.84
C VAL A 86 2.26 -18.12 -0.73
N TYR A 87 2.14 -16.82 -1.03
CA TYR A 87 2.44 -15.75 -0.08
C TYR A 87 1.20 -14.87 0.09
N LYS A 88 0.89 -14.51 1.33
CA LYS A 88 -0.22 -13.62 1.63
C LYS A 88 0.28 -12.21 1.87
N PHE A 89 -0.48 -11.22 1.40
CA PHE A 89 -0.12 -9.84 1.67
C PHE A 89 -1.37 -8.98 1.57
N GLY A 90 -1.20 -7.67 1.76
CA GLY A 90 -2.30 -6.74 1.73
C GLY A 90 -2.74 -6.31 3.11
N SER A 91 -3.86 -5.57 3.12
CA SER A 91 -4.29 -4.88 4.34
C SER A 91 -4.63 -5.84 5.47
N ARG A 92 -5.14 -7.03 5.15
CA ARG A 92 -5.43 -8.02 6.18
C ARG A 92 -4.16 -8.41 6.93
N ILE A 93 -3.10 -8.68 6.18
CA ILE A 93 -1.87 -9.22 6.76
C ILE A 93 -1.16 -8.17 7.59
N THR A 94 -1.18 -6.91 7.16
CA THR A 94 -0.53 -5.86 7.92
C THR A 94 -1.32 -5.45 9.15
N GLY A 95 -2.62 -5.71 9.19
CA GLY A 95 -3.45 -5.39 10.33
C GLY A 95 -4.28 -4.12 10.20
N ILE A 96 -4.71 -3.76 8.99
CA ILE A 96 -5.62 -2.63 8.84
C ILE A 96 -6.84 -3.04 8.02
N GLY A 97 -7.07 -4.34 7.91
CA GLY A 97 -8.21 -4.84 7.16
C GLY A 97 -9.48 -4.90 7.98
N ASN A 98 -10.56 -5.28 7.30
CA ASN A 98 -11.85 -5.50 7.93
C ASN A 98 -12.49 -6.72 7.26
N ARG A 99 -13.63 -7.15 7.79
CA ARG A 99 -14.18 -8.44 7.36
C ARG A 99 -14.54 -8.45 5.89
N SER A 100 -14.78 -7.29 5.27
CA SER A 100 -15.11 -7.21 3.86
C SER A 100 -13.88 -7.08 2.97
N SER A 101 -12.69 -6.97 3.54
CA SER A 101 -11.48 -6.83 2.74
C SER A 101 -11.22 -8.09 1.93
N ASP A 102 -10.61 -7.91 0.77
CA ASP A 102 -10.14 -9.04 -0.02
C ASP A 102 -8.83 -9.54 0.57
N LEU A 103 -8.30 -10.63 0.00
CA LEU A 103 -7.02 -11.18 0.40
C LEU A 103 -6.11 -11.23 -0.83
N ASP A 104 -4.94 -10.62 -0.73
CA ASP A 104 -4.00 -10.57 -1.85
C ASP A 104 -2.97 -11.67 -1.68
N LEU A 105 -2.73 -12.41 -2.75
CA LEU A 105 -1.89 -13.61 -2.70
C LEU A 105 -0.91 -13.61 -3.87
N PHE A 106 0.35 -13.87 -3.58
CA PHE A 106 1.39 -14.01 -4.59
C PHE A 106 1.74 -15.48 -4.75
N VAL A 107 1.49 -16.03 -5.93
CA VAL A 107 1.77 -17.43 -6.23
C VAL A 107 3.10 -17.48 -6.97
N ASP A 108 4.11 -18.06 -6.35
CA ASP A 108 5.44 -18.17 -6.92
C ASP A 108 5.58 -19.54 -7.56
N ILE A 109 5.64 -19.57 -8.89
CA ILE A 109 5.80 -20.82 -9.64
C ILE A 109 7.15 -20.76 -10.33
N GLY A 110 8.07 -21.65 -9.92
CA GLY A 110 9.37 -21.71 -10.53
C GLY A 110 10.43 -20.84 -9.89
N ASN A 111 10.34 -20.60 -8.58
CA ASN A 111 11.29 -19.74 -7.87
C ASN A 111 11.40 -18.38 -8.56
N THR A 112 10.23 -17.80 -8.85
CA THR A 112 10.10 -16.51 -9.52
C THR A 112 10.19 -15.34 -8.55
N PHE A 113 10.36 -15.61 -7.25
CA PHE A 113 10.27 -14.57 -6.23
C PHE A 113 11.19 -13.38 -6.53
N HIS A 114 12.45 -13.65 -6.82
CA HIS A 114 13.47 -12.61 -6.91
C HIS A 114 13.57 -11.96 -8.28
N THR A 115 12.68 -12.30 -9.20
CA THR A 115 12.70 -11.72 -10.54
C THR A 115 11.67 -10.60 -10.61
N PHE A 116 12.13 -9.39 -10.91
CA PHE A 116 11.25 -8.24 -11.06
C PHE A 116 10.96 -8.02 -12.53
N GLU A 117 9.69 -7.78 -12.84
CA GLU A 117 9.25 -7.51 -14.21
C GLU A 117 8.61 -6.13 -14.24
N HIS A 118 9.36 -5.14 -14.74
CA HIS A 118 8.79 -3.83 -15.01
C HIS A 118 7.46 -3.96 -15.74
N ARG A 119 7.48 -4.65 -16.87
CA ARG A 119 6.27 -5.06 -17.57
C ARG A 119 6.22 -6.58 -17.56
N ALA A 120 5.04 -7.13 -17.31
CA ALA A 120 4.90 -8.57 -17.16
C ALA A 120 5.47 -9.30 -18.36
N SER A 121 6.47 -10.16 -18.12
CA SER A 121 7.05 -10.95 -19.18
C SER A 121 6.04 -11.93 -19.75
N ASN A 122 6.32 -12.42 -20.97
CA ASN A 122 5.43 -13.39 -21.59
C ASN A 122 5.36 -14.68 -20.77
N ALA A 123 6.50 -15.10 -20.20
CA ALA A 123 6.49 -16.25 -19.31
C ALA A 123 5.51 -16.03 -18.16
N THR A 124 5.56 -14.84 -17.55
CA THR A 124 4.65 -14.52 -16.46
C THR A 124 3.21 -14.57 -16.92
N VAL A 125 2.90 -13.86 -18.01
CA VAL A 125 1.52 -13.80 -18.49
C VAL A 125 1.03 -15.18 -18.88
N ALA A 126 1.91 -16.00 -19.46
CA ALA A 126 1.52 -17.36 -19.84
C ALA A 126 1.04 -18.15 -18.64
N LYS A 127 1.75 -18.05 -17.51
CA LYS A 127 1.32 -18.76 -16.30
C LYS A 127 -0.06 -18.29 -15.86
N LEU A 128 -0.33 -17.00 -16.01
CA LEU A 128 -1.61 -16.46 -15.55
C LEU A 128 -2.77 -17.00 -16.37
N ARG A 129 -2.61 -17.10 -17.70
CA ARG A 129 -3.68 -17.65 -18.52
C ARG A 129 -3.98 -19.09 -18.15
N ALA A 130 -2.93 -19.89 -17.92
CA ALA A 130 -3.13 -21.27 -17.51
C ALA A 130 -3.86 -21.35 -16.17
N MET A 131 -3.50 -20.48 -15.22
CA MET A 131 -4.15 -20.49 -13.92
C MET A 131 -5.63 -20.13 -14.03
N ARG A 132 -5.97 -19.25 -14.97
CA ARG A 132 -7.36 -18.82 -15.15
C ARG A 132 -8.28 -20.02 -15.35
N LYS A 133 -7.90 -20.93 -16.25
CA LYS A 133 -8.78 -22.06 -16.56
C LYS A 133 -9.03 -22.93 -15.33
N PHE A 134 -7.99 -23.15 -14.51
CA PHE A 134 -8.17 -23.96 -13.31
C PHE A 134 -9.26 -23.36 -12.41
N PHE A 135 -9.31 -22.03 -12.33
CA PHE A 135 -10.30 -21.39 -11.45
C PHE A 135 -11.71 -21.56 -11.99
N CYS A 136 -11.91 -21.36 -13.29
CA CYS A 136 -13.22 -21.62 -13.87
C CYS A 136 -13.63 -23.07 -13.62
N ASP A 137 -12.79 -24.01 -14.03
CA ASP A 137 -13.15 -25.42 -13.94
C ASP A 137 -13.41 -25.85 -12.51
N SER A 138 -12.68 -25.28 -11.55
CA SER A 138 -12.82 -25.73 -10.17
C SER A 138 -14.16 -25.31 -9.59
N GLU A 139 -14.70 -26.18 -8.72
CA GLU A 139 -15.92 -25.89 -8.00
C GLU A 139 -15.68 -25.03 -6.76
N ASP A 140 -14.44 -24.97 -6.27
CA ASP A 140 -14.12 -24.23 -5.06
C ASP A 140 -13.85 -22.76 -5.32
N TRP A 141 -13.77 -22.34 -6.58
CA TRP A 141 -13.41 -20.97 -6.92
C TRP A 141 -14.38 -20.43 -7.95
N ARG A 142 -14.64 -19.13 -7.86
CA ARG A 142 -15.44 -18.41 -8.84
C ARG A 142 -14.57 -17.33 -9.45
N LEU A 143 -14.20 -17.51 -10.72
CA LEU A 143 -13.41 -16.51 -11.42
C LEU A 143 -14.23 -15.25 -11.60
N ILE A 144 -13.63 -14.10 -11.29
CA ILE A 144 -14.31 -12.80 -11.37
C ILE A 144 -13.73 -11.95 -12.49
N ASN A 145 -12.41 -11.71 -12.46
CA ASN A 145 -11.75 -10.95 -13.50
C ASN A 145 -10.40 -11.60 -13.82
N PHE A 146 -9.96 -11.40 -15.06
CA PHE A 146 -8.61 -11.75 -15.49
C PHE A 146 -8.00 -10.50 -16.10
N ILE A 147 -7.04 -9.91 -15.40
CA ILE A 147 -6.50 -8.61 -15.80
C ILE A 147 -5.06 -8.80 -16.28
N GLU A 148 -4.92 -9.16 -17.55
CA GLU A 148 -3.59 -9.28 -18.15
C GLU A 148 -2.99 -7.94 -18.51
N GLN A 149 -3.84 -6.93 -18.73
CA GLN A 149 -3.40 -5.64 -19.24
C GLN A 149 -2.80 -4.75 -18.18
N ALA A 150 -3.08 -5.02 -16.90
CA ALA A 150 -2.59 -4.15 -15.83
C ALA A 150 -1.09 -4.33 -15.63
N ARG A 151 -0.48 -3.32 -15.02
CA ARG A 151 0.95 -3.36 -14.73
C ARG A 151 1.30 -4.59 -13.90
N VAL A 152 0.51 -4.89 -12.89
CA VAL A 152 0.62 -6.14 -12.14
C VAL A 152 -0.56 -7.02 -12.54
N PRO A 153 -0.40 -7.93 -13.49
CA PRO A 153 -1.53 -8.76 -13.90
C PRO A 153 -2.03 -9.61 -12.73
N ILE A 154 -3.36 -9.68 -12.58
CA ILE A 154 -3.96 -10.40 -11.46
C ILE A 154 -5.19 -11.17 -11.93
N ILE A 155 -5.52 -12.21 -11.16
CA ILE A 155 -6.80 -12.89 -11.24
C ILE A 155 -7.60 -12.51 -10.01
N LYS A 156 -8.83 -12.04 -10.21
CA LYS A 156 -9.77 -11.81 -9.12
C LYS A 156 -10.71 -13.00 -9.07
N THR A 157 -10.76 -13.67 -7.92
CA THR A 157 -11.54 -14.89 -7.78
C THR A 157 -12.02 -15.01 -6.34
N CYS A 158 -13.22 -15.54 -6.17
CA CYS A 158 -13.80 -15.75 -4.86
C CYS A 158 -13.53 -17.19 -4.41
N HIS A 159 -12.99 -17.34 -3.20
CA HIS A 159 -12.79 -18.65 -2.60
C HIS A 159 -14.11 -19.06 -1.95
N LEU A 160 -14.88 -19.89 -2.64
CA LEU A 160 -16.25 -20.15 -2.21
C LEU A 160 -16.36 -20.76 -0.82
N PRO A 161 -15.49 -21.67 -0.39
CA PRO A 161 -15.64 -22.22 0.97
C PRO A 161 -15.64 -21.17 2.06
N THR A 162 -14.77 -20.15 1.95
CA THR A 162 -14.75 -19.07 2.92
C THR A 162 -15.49 -17.82 2.46
N GLY A 163 -15.79 -17.72 1.16
CA GLY A 163 -16.41 -16.52 0.64
C GLY A 163 -15.50 -15.32 0.57
N ILE A 164 -14.19 -15.52 0.72
CA ILE A 164 -13.24 -14.42 0.75
C ILE A 164 -12.75 -14.15 -0.67
N GLU A 165 -12.84 -12.89 -1.10
CA GLU A 165 -12.40 -12.49 -2.42
C GLU A 165 -10.87 -12.38 -2.43
N CYS A 166 -10.25 -13.01 -3.43
CA CYS A 166 -8.80 -13.08 -3.52
C CYS A 166 -8.31 -12.42 -4.81
N ASP A 167 -7.21 -11.68 -4.71
CA ASP A 167 -6.47 -11.17 -5.85
C ASP A 167 -5.15 -11.94 -5.95
N ILE A 168 -5.01 -12.75 -6.97
CA ILE A 168 -3.83 -13.59 -7.17
C ILE A 168 -2.93 -12.93 -8.20
N CYS A 169 -1.65 -12.77 -7.87
CA CYS A 169 -0.68 -12.21 -8.78
C CYS A 169 0.59 -13.05 -8.74
N LEU A 170 1.49 -12.78 -9.69
CA LEU A 170 2.77 -13.46 -9.78
C LEU A 170 3.92 -12.51 -9.50
N ASN A 171 3.68 -11.49 -8.67
CA ASN A 171 4.65 -10.46 -8.36
C ASN A 171 4.89 -10.44 -6.86
N SER A 172 6.16 -10.50 -6.46
CA SER A 172 6.53 -10.63 -5.06
C SER A 172 6.64 -9.29 -4.33
N MET A 173 6.57 -8.16 -5.04
CA MET A 173 6.82 -6.87 -4.41
C MET A 173 5.77 -6.57 -3.35
N GLY A 174 4.51 -6.91 -3.60
CA GLY A 174 3.47 -6.66 -2.62
C GLY A 174 3.75 -7.36 -1.30
N PHE A 175 4.14 -8.64 -1.37
CA PHE A 175 4.51 -9.36 -0.16
C PHE A 175 5.66 -8.66 0.57
N CYS A 176 6.63 -8.13 -0.19
CA CYS A 176 7.79 -7.51 0.42
C CYS A 176 7.43 -6.24 1.18
N ASN A 177 6.63 -5.36 0.57
CA ASN A 177 6.27 -4.13 1.26
C ASN A 177 5.25 -4.39 2.38
N THR A 178 4.47 -5.47 2.28
CA THR A 178 3.62 -5.87 3.40
C THR A 178 4.45 -6.24 4.63
N ASN A 179 5.59 -6.91 4.43
CA ASN A 179 6.47 -7.21 5.56
C ASN A 179 7.00 -5.92 6.19
N LEU A 180 7.40 -4.96 5.36
CA LEU A 180 7.86 -3.67 5.88
C LEU A 180 6.76 -3.00 6.69
N LEU A 181 5.55 -2.91 6.14
CA LEU A 181 4.45 -2.29 6.86
C LEU A 181 4.19 -2.99 8.19
N LYS A 182 4.24 -4.33 8.20
CA LYS A 182 3.98 -5.08 9.42
C LYS A 182 5.01 -4.76 10.49
N TYR A 183 6.28 -4.61 10.09
CA TYR A 183 7.31 -4.22 11.04
C TYR A 183 7.07 -2.81 11.58
N ILE A 184 6.71 -1.87 10.69
CA ILE A 184 6.42 -0.50 11.12
C ILE A 184 5.25 -0.50 12.10
N PHE A 185 4.13 -1.11 11.71
CA PHE A 185 2.93 -1.10 12.55
C PHE A 185 3.22 -1.70 13.92
N GLU A 186 3.87 -2.85 13.96
CA GLU A 186 4.17 -3.49 15.24
C GLU A 186 5.15 -2.65 16.05
N SER A 187 6.13 -2.03 15.40
CA SER A 187 7.09 -1.22 16.14
C SER A 187 6.45 0.04 16.70
N GLN A 188 5.57 0.68 15.93
CA GLN A 188 4.95 1.95 16.30
C GLN A 188 3.46 1.84 16.08
N PRO A 189 2.71 1.25 17.03
CA PRO A 189 1.29 0.97 16.78
C PRO A 189 0.46 2.19 16.39
N LEU A 190 0.83 3.39 16.82
CA LEU A 190 0.10 4.58 16.38
C LEU A 190 -0.05 4.59 14.87
N THR A 191 0.99 4.17 14.15
CA THR A 191 0.92 4.12 12.69
C THR A 191 -0.27 3.28 12.24
N GLN A 192 -0.50 2.15 12.90
CA GLN A 192 -1.60 1.27 12.54
C GLN A 192 -2.94 1.95 12.80
N TYR A 193 -3.12 2.54 13.98
CA TYR A 193 -4.36 3.23 14.28
C TYR A 193 -4.65 4.31 13.24
N MET A 194 -3.63 5.10 12.88
CA MET A 194 -3.84 6.17 11.90
C MET A 194 -4.22 5.60 10.54
N CYS A 195 -3.56 4.51 10.13
CA CYS A 195 -3.84 3.95 8.81
C CYS A 195 -5.24 3.38 8.73
N ILE A 196 -5.75 2.81 9.83
CA ILE A 196 -7.13 2.34 9.84
C ILE A 196 -8.08 3.52 9.70
N TYR A 197 -7.78 4.63 10.37
CA TYR A 197 -8.65 5.81 10.29
C TYR A 197 -8.66 6.40 8.90
N VAL A 198 -7.48 6.66 8.33
CA VAL A 198 -7.44 7.32 7.02
C VAL A 198 -7.97 6.38 5.95
N LYS A 199 -7.82 5.07 6.14
CA LYS A 199 -8.39 4.11 5.20
C LYS A 199 -9.90 4.22 5.15
N ASN A 200 -10.55 4.22 6.31
CA ASN A 200 -12.01 4.38 6.35
C ASN A 200 -12.41 5.78 5.87
N TRP A 201 -11.62 6.79 6.21
CA TRP A 201 -11.85 8.15 5.71
C TRP A 201 -11.83 8.17 4.19
N LEU A 202 -10.81 7.54 3.60
CA LEU A 202 -10.71 7.45 2.15
C LEU A 202 -11.96 6.83 1.53
N GLU A 203 -12.44 5.73 2.12
CA GLU A 203 -13.63 5.06 1.59
C GLU A 203 -14.86 5.95 1.67
N ARG A 204 -15.07 6.60 2.81
CA ARG A 204 -16.22 7.49 2.95
C ARG A 204 -16.08 8.72 2.06
N CYS A 205 -14.85 9.10 1.72
CA CYS A 205 -14.64 10.20 0.79
C CYS A 205 -14.75 9.76 -0.67
N LYS A 206 -14.92 8.46 -0.93
CA LYS A 206 -15.04 7.94 -2.29
C LYS A 206 -13.83 8.32 -3.15
N LEU A 207 -12.65 8.27 -2.55
CA LEU A 207 -11.41 8.59 -3.27
C LEU A 207 -10.56 7.37 -3.57
N THR A 208 -11.02 6.16 -3.22
CA THR A 208 -10.16 4.99 -3.33
C THR A 208 -9.78 4.71 -4.79
N GLU A 209 -10.62 5.09 -5.75
CA GLU A 209 -10.29 4.82 -7.14
C GLU A 209 -9.07 5.62 -7.59
N GLN A 210 -8.83 6.78 -6.99
CA GLN A 210 -7.65 7.59 -7.32
C GLN A 210 -6.51 7.37 -6.33
N ILE A 211 -6.80 7.48 -5.04
CA ILE A 211 -5.80 7.35 -3.99
C ILE A 211 -6.10 6.05 -3.23
N SER A 212 -5.20 5.07 -3.35
CA SER A 212 -5.43 3.77 -2.76
C SER A 212 -5.13 3.78 -1.26
N THR A 213 -5.59 2.73 -0.58
CA THR A 213 -5.22 2.53 0.82
C THR A 213 -3.71 2.46 0.99
N TYR A 214 -3.03 1.76 0.08
CA TYR A 214 -1.57 1.64 0.20
C TYR A 214 -0.91 3.01 0.07
N SER A 215 -1.35 3.81 -0.89
CA SER A 215 -0.77 5.15 -1.04
C SER A 215 -0.91 5.97 0.23
N ILE A 216 -2.08 5.93 0.87
CA ILE A 216 -2.28 6.74 2.07
C ILE A 216 -1.47 6.18 3.23
N THR A 217 -1.23 4.87 3.24
CA THR A 217 -0.36 4.29 4.26
C THR A 217 1.05 4.84 4.13
N LEU A 218 1.57 4.95 2.91
CA LEU A 218 2.89 5.55 2.71
C LEU A 218 2.91 7.00 3.14
N MET A 219 1.80 7.72 2.96
CA MET A 219 1.73 9.12 3.38
C MET A 219 1.72 9.22 4.90
N VAL A 220 1.06 8.28 5.58
CA VAL A 220 1.07 8.28 7.05
C VAL A 220 2.47 7.97 7.55
N ILE A 221 3.10 6.94 7.01
CA ILE A 221 4.46 6.58 7.41
C ILE A 221 5.40 7.77 7.20
N TYR A 222 5.30 8.41 6.04
CA TYR A 222 6.15 9.57 5.76
C TYR A 222 5.87 10.69 6.75
N PHE A 223 4.59 10.97 7.02
CA PHE A 223 4.26 11.99 8.00
C PHE A 223 4.88 11.67 9.35
N LEU A 224 4.78 10.41 9.78
CA LEU A 224 5.32 10.03 11.09
C LEU A 224 6.84 10.04 11.10
N GLN A 225 7.47 9.74 9.95
CA GLN A 225 8.91 9.90 9.85
C GLN A 225 9.32 11.35 10.11
N LEU A 226 8.53 12.30 9.59
CA LEU A 226 8.80 13.71 9.81
C LEU A 226 8.61 14.11 11.26
N GLN A 227 7.84 13.34 12.04
CA GLN A 227 7.68 13.60 13.46
C GLN A 227 8.73 12.87 14.30
N ALA A 228 9.73 12.25 13.66
CA ALA A 228 10.77 11.50 14.35
C ALA A 228 10.20 10.33 15.14
N LEU A 229 9.14 9.71 14.61
CA LEU A 229 8.55 8.53 15.22
C LEU A 229 8.74 7.26 14.40
N LEU A 230 9.28 7.38 13.18
CA LEU A 230 9.57 6.23 12.33
C LEU A 230 10.89 6.48 11.63
N PRO A 231 11.64 5.42 11.32
CA PRO A 231 12.92 5.60 10.64
C PRO A 231 12.72 5.74 9.14
N PRO A 232 13.64 6.42 8.44
CA PRO A 232 13.64 6.33 6.98
C PRO A 232 13.97 4.91 6.55
N ILE A 233 13.35 4.48 5.46
CA ILE A 233 13.56 3.10 5.03
C ILE A 233 14.99 2.89 4.55
N ALA A 234 15.59 3.92 3.94
CA ALA A 234 17.01 3.83 3.59
C ALA A 234 17.87 3.57 4.82
N MET A 235 17.48 4.12 5.97
CA MET A 235 18.23 3.91 7.20
C MET A 235 18.25 2.45 7.61
N LEU A 236 17.25 1.68 7.20
CA LEU A 236 17.13 0.27 7.56
C LEU A 236 17.80 -0.66 6.54
N GLN A 237 18.44 -0.11 5.51
CA GLN A 237 18.97 -0.93 4.42
C GLN A 237 20.46 -0.72 4.22
N ILE A 238 21.15 -0.14 5.19
CA ILE A 238 22.60 0.00 5.08
C ILE A 238 23.24 -1.38 5.10
N GLU A 239 23.96 -1.72 4.03
CA GLU A 239 24.65 -3.00 3.96
C GLU A 239 25.93 -2.96 4.79
N GLN A 244 23.87 -8.27 4.75
CA GLN A 244 23.77 -8.40 3.27
C GLN A 244 22.35 -8.06 2.85
N ALA A 245 22.17 -7.69 1.59
CA ALA A 245 20.90 -7.22 1.02
C ALA A 245 20.17 -8.34 0.28
N VAL A 246 18.85 -8.40 0.36
CA VAL A 246 18.00 -9.37 -0.37
C VAL A 246 17.37 -8.55 -1.49
N LEU A 247 17.36 -9.01 -2.73
CA LEU A 247 16.85 -8.20 -3.85
C LEU A 247 15.78 -8.91 -4.67
N VAL A 248 14.87 -8.13 -5.26
CA VAL A 248 13.85 -8.55 -6.24
C VAL A 248 14.19 -7.65 -7.42
N GLY A 249 14.87 -8.19 -8.41
CA GLY A 249 15.44 -7.37 -9.46
C GLY A 249 16.40 -6.35 -8.88
N PRO A 250 16.22 -5.07 -9.22
CA PRO A 250 17.10 -4.04 -8.65
C PRO A 250 16.68 -3.52 -7.29
N TRP A 251 15.58 -4.01 -6.71
CA TRP A 251 15.02 -3.43 -5.50
C TRP A 251 15.49 -4.17 -4.25
N VAL A 252 15.86 -3.42 -3.21
CA VAL A 252 16.29 -3.98 -1.91
C VAL A 252 15.01 -4.23 -1.10
N VAL A 253 14.60 -5.50 -0.92
CA VAL A 253 13.33 -5.87 -0.23
C VAL A 253 13.55 -6.24 1.25
N ASN A 254 14.78 -6.50 1.67
CA ASN A 254 15.10 -6.76 3.09
C ASN A 254 15.24 -5.43 3.81
N PHE A 255 15.11 -5.42 5.12
CA PHE A 255 15.32 -4.23 5.96
C PHE A 255 15.85 -4.73 7.29
N ALA A 256 16.74 -3.98 7.92
CA ALA A 256 17.29 -4.38 9.23
C ALA A 256 16.18 -4.12 10.24
N GLN A 257 15.74 -5.15 10.94
CA GLN A 257 14.67 -5.01 11.94
C GLN A 257 15.24 -4.49 13.26
N LYS A 258 15.85 -3.31 13.16
CA LYS A 258 16.46 -2.67 14.32
C LYS A 258 15.38 -2.29 15.35
N SER A 259 15.71 -2.47 16.62
CA SER A 259 14.84 -2.00 17.70
C SER A 259 14.76 -0.48 17.65
N PHE A 260 13.54 0.05 17.74
CA PHE A 260 13.36 1.50 17.73
C PHE A 260 14.17 2.16 18.85
N SER A 261 14.33 1.48 19.98
CA SER A 261 15.18 1.99 21.04
C SER A 261 16.59 2.24 20.54
N GLU A 262 17.10 1.35 19.67
CA GLU A 262 18.45 1.50 19.15
C GLU A 262 18.60 2.77 18.31
N LEU A 263 17.53 3.19 17.65
CA LEU A 263 17.55 4.42 16.87
C LEU A 263 17.01 5.61 17.65
N GLY A 264 16.78 5.46 18.95
CA GLY A 264 16.25 6.53 19.76
C GLY A 264 14.79 6.84 19.53
N LEU A 265 14.08 6.00 18.78
CA LEU A 265 12.68 6.23 18.47
C LEU A 265 11.84 5.74 19.65
N GLN A 266 11.07 6.65 20.24
CA GLN A 266 10.20 6.29 21.36
C GLN A 266 8.89 5.73 20.82
N GLN A 267 8.42 4.66 21.45
CA GLN A 267 7.21 3.96 21.01
C GLN A 267 6.04 4.45 21.86
N LEU A 268 5.15 5.22 21.24
CA LEU A 268 4.11 5.92 21.96
C LEU A 268 2.98 4.98 22.38
N LYS A 269 2.38 5.29 23.52
CA LYS A 269 1.13 4.67 23.94
C LYS A 269 -0.01 5.35 23.18
N ALA A 270 -0.71 4.58 22.35
CA ALA A 270 -1.72 5.15 21.46
C ALA A 270 -3.02 5.33 22.24
N THR A 271 -3.28 6.57 22.65
CA THR A 271 -4.55 6.96 23.26
C THR A 271 -5.39 7.73 22.24
N VAL A 272 -6.69 7.79 22.50
CA VAL A 272 -7.57 8.58 21.63
C VAL A 272 -7.07 10.01 21.49
N PRO A 273 -6.71 10.72 22.57
CA PRO A 273 -6.17 12.08 22.39
C PRO A 273 -4.97 12.14 21.47
N VAL A 274 -3.98 11.25 21.66
CA VAL A 274 -2.76 11.35 20.86
C VAL A 274 -3.02 10.97 19.41
N ILE A 275 -3.89 9.96 19.20
CA ILE A 275 -4.26 9.60 17.84
C ILE A 275 -4.94 10.79 17.15
N LYS A 276 -5.88 11.43 17.86
CA LYS A 276 -6.61 12.54 17.25
C LYS A 276 -5.67 13.70 16.90
N GLY A 277 -4.67 13.94 17.74
CA GLY A 277 -3.75 15.04 17.47
C GLY A 277 -2.89 14.80 16.24
N PHE A 278 -2.33 13.59 16.10
CA PHE A 278 -1.53 13.28 14.93
C PHE A 278 -2.38 13.25 13.67
N LEU A 279 -3.60 12.73 13.76
CA LEU A 279 -4.49 12.70 12.60
C LEU A 279 -4.77 14.12 12.11
N ARG A 280 -5.13 15.02 13.03
CA ARG A 280 -5.38 16.40 12.64
C ARG A 280 -4.15 17.01 11.99
N ASN A 281 -2.96 16.76 12.54
CA ASN A 281 -1.74 17.27 11.94
C ASN A 281 -1.44 16.58 10.62
N PHE A 282 -1.81 15.30 10.50
CA PHE A 282 -1.66 14.60 9.23
C PHE A 282 -2.44 15.29 8.12
N PHE A 283 -3.75 15.51 8.35
CA PHE A 283 -4.58 16.13 7.33
C PHE A 283 -4.16 17.57 7.07
N ALA A 284 -3.85 18.33 8.13
CA ALA A 284 -3.37 19.69 7.94
C ALA A 284 -2.12 19.71 7.08
N TYR A 285 -1.20 18.78 7.32
CA TYR A 285 0.06 18.75 6.58
C TYR A 285 -0.19 18.57 5.08
N PHE A 286 -0.98 17.56 4.71
CA PHE A 286 -1.20 17.26 3.31
C PHE A 286 -2.23 18.18 2.66
N ALA A 287 -3.00 18.91 3.45
CA ALA A 287 -3.82 19.99 2.89
C ALA A 287 -2.95 21.10 2.34
N LYS A 288 -1.83 21.38 3.00
CA LYS A 288 -0.94 22.47 2.62
C LYS A 288 0.33 21.99 1.94
N PHE A 289 0.47 20.69 1.69
CA PHE A 289 1.67 20.15 1.06
C PHE A 289 1.79 20.66 -0.38
N ASP A 290 3.02 21.02 -0.76
CA ASP A 290 3.31 21.51 -2.11
C ASP A 290 3.58 20.29 -3.00
N TYR A 291 2.53 19.81 -3.66
CA TYR A 291 2.64 18.66 -4.54
C TYR A 291 3.30 18.99 -5.87
N GLU A 292 3.46 20.28 -6.19
CA GLU A 292 4.05 20.68 -7.46
C GLU A 292 5.56 20.53 -7.46
N HIS A 293 6.20 20.67 -6.30
CA HIS A 293 7.65 20.64 -6.20
C HIS A 293 8.20 19.52 -5.32
N PHE A 294 7.36 18.89 -4.49
CA PHE A 294 7.83 17.89 -3.54
C PHE A 294 7.05 16.59 -3.68
N LEU A 295 7.62 15.53 -3.12
CA LEU A 295 7.00 14.21 -3.17
C LEU A 295 6.98 13.59 -1.78
N VAL A 296 6.04 12.67 -1.58
CA VAL A 296 6.01 11.86 -0.36
C VAL A 296 7.04 10.76 -0.52
N CYS A 297 8.02 10.73 0.38
CA CYS A 297 9.24 9.94 0.19
C CYS A 297 9.60 9.20 1.47
N PRO A 298 8.88 8.10 1.77
CA PRO A 298 9.26 7.32 2.96
C PRO A 298 10.62 6.67 2.85
N TYR A 299 11.18 6.56 1.64
CA TYR A 299 12.54 6.03 1.51
C TYR A 299 13.56 6.96 2.16
N ILE A 300 13.46 8.26 1.89
CA ILE A 300 14.38 9.22 2.49
C ILE A 300 13.89 9.64 3.87
N GLY A 301 12.58 9.67 4.08
CA GLY A 301 12.04 9.97 5.40
C GLY A 301 12.44 11.32 5.95
N GLN A 302 12.74 12.28 5.08
CA GLN A 302 13.06 13.64 5.49
C GLN A 302 12.08 14.61 4.84
N ALA A 303 11.93 15.77 5.46
CA ALA A 303 10.98 16.77 4.98
C ALA A 303 11.47 17.43 3.69
N ASN A 304 10.53 17.96 2.93
CA ASN A 304 10.81 18.80 1.78
C ASN A 304 11.74 18.09 0.79
N VAL A 305 11.37 16.88 0.42
CA VAL A 305 12.12 16.12 -0.58
C VAL A 305 11.66 16.56 -1.96
N GLU A 306 12.56 17.17 -2.72
CA GLU A 306 12.19 17.82 -3.96
C GLU A 306 12.11 16.83 -5.11
N ILE A 307 11.06 16.98 -5.95
CA ILE A 307 10.93 16.19 -7.15
C ILE A 307 12.15 16.37 -8.04
N ALA A 308 12.77 17.55 -8.02
CA ALA A 308 13.89 17.84 -8.90
C ALA A 308 15.16 17.11 -8.50
N LYS A 309 15.30 16.70 -7.23
CA LYS A 309 16.53 16.11 -6.75
C LYS A 309 16.37 14.68 -6.26
N ILE A 310 15.20 14.07 -6.40
CA ILE A 310 14.97 12.78 -5.77
C ILE A 310 15.77 11.68 -6.47
N GLU A 311 15.80 11.70 -7.80
CA GLU A 311 16.41 10.59 -8.53
C GLU A 311 17.89 10.44 -8.21
N ARG A 312 18.57 11.53 -7.88
CA ARG A 312 19.98 11.48 -7.54
C ARG A 312 20.23 11.02 -6.11
N MET A 313 19.19 10.91 -5.28
CA MET A 313 19.34 10.49 -3.89
C MET A 313 19.06 9.00 -3.70
N LEU A 314 18.78 8.27 -4.76
CA LEU A 314 18.42 6.87 -4.66
C LEU A 314 19.66 5.99 -4.74
N HIS A 315 19.49 4.72 -4.37
CA HIS A 315 20.66 3.85 -4.23
C HIS A 315 21.20 3.45 -5.61
N ALA A 316 22.42 2.90 -5.58
CA ALA A 316 23.17 2.69 -6.82
C ALA A 316 22.45 1.72 -7.75
N ARG A 317 21.70 0.77 -7.22
CA ARG A 317 21.00 -0.18 -8.08
C ARG A 317 19.90 0.50 -8.87
N TYR A 318 19.24 1.51 -8.28
CA TYR A 318 18.27 2.29 -9.05
C TYR A 318 18.97 3.10 -10.14
N SER A 319 20.00 3.88 -9.75
CA SER A 319 20.78 4.63 -10.73
C SER A 319 21.27 3.71 -11.85
N ALA A 320 21.83 2.55 -11.46
CA ALA A 320 22.27 1.58 -12.46
C ALA A 320 21.09 1.10 -13.31
N TYR A 321 19.95 0.83 -12.67
CA TYR A 321 18.81 0.26 -13.39
C TYR A 321 18.23 1.27 -14.37
N VAL A 322 18.13 2.55 -13.97
CA VAL A 322 17.55 3.54 -14.87
C VAL A 322 18.56 3.98 -15.93
N SER A 323 19.86 3.91 -15.64
CA SER A 323 20.86 4.22 -16.65
C SER A 323 20.70 3.29 -17.85
N ASP A 324 20.59 1.98 -17.60
CA ASP A 324 20.38 1.03 -18.69
C ASP A 324 18.93 1.03 -19.18
N ASN A 325 17.99 1.42 -18.33
CA ASN A 325 16.56 1.45 -18.70
C ASN A 325 15.96 2.79 -18.26
N PRO A 326 16.15 3.84 -19.06
CA PRO A 326 15.54 5.13 -18.70
C PRO A 326 14.02 5.12 -18.71
N GLU A 327 13.41 4.26 -19.53
CA GLU A 327 11.95 4.15 -19.54
C GLU A 327 11.40 3.62 -18.23
N CYS A 328 12.24 3.04 -17.37
CA CYS A 328 11.79 2.47 -16.10
C CYS A 328 11.89 3.44 -14.94
N SER A 329 12.32 4.68 -15.18
CA SER A 329 12.50 5.62 -14.09
C SER A 329 11.15 6.04 -13.51
N ILE A 330 11.18 6.54 -12.28
CA ILE A 330 9.97 6.96 -11.60
C ILE A 330 9.31 8.09 -12.39
N GLN A 331 7.99 8.03 -12.50
CA GLN A 331 7.22 9.03 -13.22
C GLN A 331 7.02 10.24 -12.29
N LEU A 332 7.81 11.29 -12.51
CA LEU A 332 7.77 12.48 -11.68
C LEU A 332 6.92 13.60 -12.26
N LYS A 333 6.48 13.48 -13.51
CA LYS A 333 5.67 14.52 -14.14
C LYS A 333 4.18 14.20 -13.97
N LYS A 334 3.76 14.21 -12.71
CA LYS A 334 2.39 13.91 -12.33
C LYS A 334 1.97 14.91 -11.24
N PRO A 335 0.67 15.14 -11.10
CA PRO A 335 0.23 16.07 -10.05
C PRO A 335 0.65 15.65 -8.66
N MET A 336 0.59 14.36 -8.35
CA MET A 336 0.84 13.84 -7.01
C MET A 336 1.88 12.73 -7.11
N VAL A 337 2.96 12.87 -6.35
CA VAL A 337 4.07 11.92 -6.38
C VAL A 337 4.22 11.34 -4.97
N VAL A 338 3.95 10.04 -4.85
CA VAL A 338 4.17 9.28 -3.62
C VAL A 338 5.05 8.09 -4.01
N GLN A 339 6.28 8.07 -3.49
CA GLN A 339 7.25 7.05 -3.90
C GLN A 339 7.16 5.82 -3.01
N ASP A 340 7.00 4.66 -3.63
CA ASP A 340 7.10 3.40 -2.90
C ASP A 340 8.49 3.27 -2.30
N PRO A 341 8.62 2.94 -1.02
CA PRO A 341 9.96 2.95 -0.39
C PRO A 341 10.86 1.79 -0.80
N ILE A 342 10.32 0.77 -1.47
CA ILE A 342 11.11 -0.38 -1.92
C ILE A 342 11.22 -0.40 -3.44
N GLN A 343 10.09 -0.38 -4.14
CA GLN A 343 10.10 -0.26 -5.59
C GLN A 343 10.23 1.22 -5.93
N LEU A 344 11.46 1.72 -5.82
CA LEU A 344 11.71 3.15 -5.88
C LEU A 344 11.36 3.79 -7.21
N ASN A 345 11.12 3.00 -8.23
CA ASN A 345 10.72 3.52 -9.55
C ASN A 345 9.20 3.61 -9.66
N HIS A 346 8.47 3.53 -8.56
CA HIS A 346 6.99 3.47 -8.59
C HIS A 346 6.35 4.66 -7.87
N ASN A 347 5.76 5.58 -8.62
CA ASN A 347 4.92 6.68 -8.08
C ASN A 347 3.55 6.06 -7.90
N VAL A 348 3.21 5.61 -6.71
CA VAL A 348 1.96 4.89 -6.50
C VAL A 348 0.73 5.76 -6.72
N THR A 349 0.89 7.08 -6.81
CA THR A 349 -0.22 7.99 -7.08
C THR A 349 -0.14 8.57 -8.49
N LYS A 350 0.50 7.83 -9.41
CA LYS A 350 0.73 8.35 -10.76
C LYS A 350 -0.57 8.62 -11.50
N ALA A 351 -1.64 7.90 -11.16
CA ALA A 351 -2.92 8.06 -11.84
C ALA A 351 -3.76 9.21 -11.29
N VAL A 352 -3.37 9.79 -10.16
CA VAL A 352 -4.14 10.91 -9.61
C VAL A 352 -4.10 12.07 -10.58
N THR A 353 -5.28 12.63 -10.87
CA THR A 353 -5.41 13.79 -11.74
C THR A 353 -5.31 15.07 -10.92
N LYS A 354 -5.12 16.20 -11.61
CA LYS A 354 -5.08 17.47 -10.89
C LYS A 354 -6.41 17.74 -10.20
N TYR A 355 -7.51 17.26 -10.75
CA TYR A 355 -8.81 17.43 -10.10
C TYR A 355 -8.97 16.46 -8.93
N GLY A 356 -8.47 15.24 -9.06
CA GLY A 356 -8.48 14.33 -7.94
C GLY A 356 -7.62 14.82 -6.80
N LEU A 357 -6.42 15.34 -7.11
CA LEU A 357 -5.57 15.92 -6.09
C LEU A 357 -6.27 17.07 -5.39
N GLN A 358 -6.86 17.99 -6.16
CA GLN A 358 -7.57 19.12 -5.56
C GLN A 358 -8.65 18.65 -4.61
N THR A 359 -9.42 17.64 -5.02
CA THR A 359 -10.43 17.07 -4.13
C THR A 359 -9.80 16.57 -2.84
N PHE A 360 -8.70 15.81 -2.95
CA PHE A 360 -8.02 15.29 -1.77
C PHE A 360 -7.58 16.42 -0.85
N VAL A 361 -6.98 17.48 -1.42
CA VAL A 361 -6.52 18.61 -0.62
C VAL A 361 -7.70 19.25 0.11
N ASP A 362 -8.79 19.49 -0.60
CA ASP A 362 -9.97 20.10 0.01
C ASP A 362 -10.48 19.25 1.16
N TYR A 363 -10.59 17.94 0.96
CA TYR A 363 -11.08 17.06 2.02
C TYR A 363 -10.13 17.07 3.22
N CYS A 364 -8.82 17.01 2.96
CA CYS A 364 -7.86 17.14 4.05
C CYS A 364 -8.08 18.44 4.81
N GLN A 365 -8.22 19.55 4.08
CA GLN A 365 -8.40 20.85 4.72
C GLN A 365 -9.63 20.84 5.62
N GLN A 366 -10.77 20.42 5.06
CA GLN A 366 -12.01 20.42 5.84
C GLN A 366 -11.95 19.42 6.98
N THR A 367 -11.23 18.30 6.79
CA THR A 367 -11.12 17.32 7.85
C THR A 367 -10.27 17.84 9.00
N ALA A 368 -9.15 18.50 8.68
CA ALA A 368 -8.31 19.06 9.73
C ALA A 368 -9.10 20.04 10.59
N GLU A 369 -9.91 20.88 9.95
CA GLU A 369 -10.75 21.82 10.70
C GLU A 369 -11.68 21.09 11.66
N LEU A 370 -12.32 20.02 11.21
CA LEU A 370 -13.28 19.31 12.05
C LEU A 370 -12.59 18.66 13.25
N LEU A 371 -11.33 18.26 13.10
CA LEU A 371 -10.54 17.78 14.23
C LEU A 371 -9.98 18.93 15.06
N GLU A 372 -10.26 20.18 14.67
CA GLU A 372 -9.89 21.42 15.37
C GLU A 372 -8.56 21.97 14.85
#